data_1AGE
#
_entry.id   1AGE
#
_cell.length_a   50.700
_cell.length_b   81.200
_cell.length_c   110.600
_cell.angle_alpha   90.00
_cell.angle_beta   90.00
_cell.angle_gamma   90.00
#
_symmetry.space_group_name_H-M   'P 21 21 21'
#
loop_
_entity.id
_entity.type
_entity.pdbx_description
1 polymer B*0801
2 polymer 'BETA-2 MICROGLOBULIN'
3 polymer 'HIV-1 GAG PEPTIDE (GGKKKYRL - 7R MUTATION)'
4 water water
#
loop_
_entity_poly.entity_id
_entity_poly.type
_entity_poly.pdbx_seq_one_letter_code
_entity_poly.pdbx_strand_id
1 'polypeptide(L)'
;GSHSMRYFDTAMSRPGRGEPRFISVGYVDDTQFVRFDSDAASPREEPRAPWIEQEGPEYWDRNTQIFKTNTQTDRESLRN
LRGYYNQSEAGSHTLQSMYGCDVGPDGRLLRGHNQYAYDGKDYIALNEDLRSWTAADTAAQITQRKWEAARVAEQDRAYL
EGTCVEWLRRYLENGKDTLERADPPKTHVTHHPISDHEATLRCWALGFYPAEITLTWQRDGEDQTQDTELVETRPAGDRT
FQKWAAVVVPSGEEQRYTCHVQHEGLPKPLTLRWEP
;
A
2 'polypeptide(L)'
;IQRTPKIQVYSRHPAENGKSNFLNCYVSGFHPSDIEVDLLKNGERIEKVEHSDLSFSKDWSFYLLYYTEFTPTEKDEYAC
RVNHVTLSQPKIVKWDRDM
;
B
3 'polypeptide(L)' GGKKKYRL C
#
# COMPACT_ATOMS: atom_id res chain seq x y z
N GLY A 1 -0.97 -15.37 14.98
CA GLY A 1 -0.15 -14.13 15.12
C GLY A 1 -1.01 -12.93 14.82
N SER A 2 -0.66 -11.75 15.33
CA SER A 2 -1.55 -10.65 15.07
C SER A 2 -0.99 -9.31 14.59
N HIS A 3 0.32 -9.08 14.68
CA HIS A 3 0.90 -7.79 14.23
C HIS A 3 2.20 -7.82 13.46
N SER A 4 2.46 -6.76 12.70
CA SER A 4 3.70 -6.65 11.95
C SER A 4 4.20 -5.21 11.80
N MET A 5 5.53 -5.08 11.72
CA MET A 5 6.19 -3.79 11.49
C MET A 5 6.94 -3.99 10.18
N ARG A 6 6.91 -2.98 9.32
CA ARG A 6 7.56 -3.10 8.04
C ARG A 6 7.99 -1.72 7.49
N TYR A 7 9.19 -1.65 6.90
CA TYR A 7 9.69 -0.43 6.27
C TYR A 7 9.76 -0.67 4.76
N PHE A 8 9.16 0.24 3.98
CA PHE A 8 9.15 0.14 2.52
C PHE A 8 10.04 1.21 1.95
N ASP A 9 11.17 0.80 1.35
CA ASP A 9 12.14 1.76 0.81
C ASP A 9 12.18 1.77 -0.69
N THR A 10 12.13 2.97 -1.26
CA THR A 10 12.22 3.09 -2.71
C THR A 10 13.37 4.08 -3.01
N ALA A 11 14.31 3.62 -3.82
CA ALA A 11 15.43 4.45 -4.26
C ALA A 11 15.33 4.42 -5.79
N MET A 12 15.33 5.59 -6.41
CA MET A 12 15.21 5.62 -7.86
C MET A 12 16.18 6.63 -8.47
N SER A 13 16.99 6.15 -9.39
CA SER A 13 17.95 7.01 -10.05
C SER A 13 17.22 7.87 -11.07
N ARG A 14 17.83 9.00 -11.43
CA ARG A 14 17.27 9.93 -12.41
C ARG A 14 18.45 10.68 -12.99
N PRO A 15 19.21 10.05 -13.92
CA PRO A 15 20.39 10.64 -14.57
C PRO A 15 20.12 12.05 -15.11
N GLY A 16 20.93 13.02 -14.66
CA GLY A 16 20.78 14.38 -15.10
C GLY A 16 19.83 15.22 -14.25
N ARG A 17 19.18 14.60 -13.28
CA ARG A 17 18.24 15.30 -12.42
C ARG A 17 18.57 15.06 -10.97
N GLY A 18 19.87 15.04 -10.70
CA GLY A 18 20.35 14.86 -9.34
C GLY A 18 20.58 13.42 -8.94
N GLU A 19 20.88 13.28 -7.66
CA GLU A 19 21.16 11.97 -7.06
C GLU A 19 19.87 11.19 -6.94
N PRO A 20 19.97 9.86 -6.85
CA PRO A 20 18.76 9.04 -6.75
C PRO A 20 17.92 9.43 -5.53
N ARG A 21 16.60 9.56 -5.73
CA ARG A 21 15.72 9.87 -4.62
C ARG A 21 15.50 8.61 -3.81
N PHE A 22 15.48 8.79 -2.49
CA PHE A 22 15.27 7.72 -1.50
C PHE A 22 14.18 8.13 -0.52
N ILE A 23 13.17 7.30 -0.42
CA ILE A 23 12.08 7.51 0.52
C ILE A 23 11.86 6.19 1.27
N SER A 24 11.68 6.31 2.59
CA SER A 24 11.44 5.15 3.43
C SER A 24 10.22 5.42 4.28
N VAL A 25 9.19 4.58 4.12
CA VAL A 25 7.95 4.69 4.93
C VAL A 25 7.82 3.50 5.90
N GLY A 26 7.49 3.80 7.15
CA GLY A 26 7.36 2.75 8.16
C GLY A 26 5.90 2.50 8.52
N TYR A 27 5.57 1.24 8.75
CA TYR A 27 4.22 0.83 9.08
C TYR A 27 4.11 -0.19 10.22
N VAL A 28 2.96 -0.15 10.90
CA VAL A 28 2.61 -1.14 11.91
C VAL A 28 1.28 -1.54 11.28
N ASP A 29 1.23 -2.77 10.77
CA ASP A 29 0.07 -3.30 10.06
C ASP A 29 -0.28 -2.34 8.91
N ASP A 30 -1.50 -1.82 8.88
CA ASP A 30 -1.91 -0.91 7.81
C ASP A 30 -1.90 0.53 8.24
N THR A 31 -1.07 0.83 9.23
CA THR A 31 -0.96 2.18 9.77
C THR A 31 0.44 2.73 9.55
N GLN A 32 0.57 3.74 8.70
CA GLN A 32 1.88 4.31 8.50
C GLN A 32 2.21 5.15 9.75
N PHE A 33 3.47 5.14 10.21
CA PHE A 33 3.80 5.94 11.38
C PHE A 33 4.98 6.89 11.21
N VAL A 34 5.82 6.63 10.20
CA VAL A 34 6.98 7.47 9.88
C VAL A 34 7.26 7.50 8.38
N ARG A 35 8.00 8.53 7.97
CA ARG A 35 8.42 8.74 6.61
C ARG A 35 9.76 9.46 6.65
N PHE A 36 10.60 9.15 5.67
CA PHE A 36 11.87 9.82 5.48
C PHE A 36 11.99 9.99 3.96
N ASP A 37 12.29 11.19 3.51
CA ASP A 37 12.40 11.45 2.08
C ASP A 37 13.64 12.31 1.83
N SER A 38 14.57 11.81 1.02
CA SER A 38 15.79 12.58 0.75
C SER A 38 15.49 13.86 -0.02
N ASP A 39 14.31 13.91 -0.65
CA ASP A 39 13.87 15.09 -1.38
C ASP A 39 13.20 16.17 -0.51
N ALA A 40 12.92 15.88 0.76
CA ALA A 40 12.33 16.88 1.65
C ALA A 40 13.37 18.03 1.81
N ALA A 41 12.88 19.26 1.94
CA ALA A 41 13.77 20.43 2.08
C ALA A 41 14.83 20.21 3.17
N SER A 42 14.42 19.52 4.23
CA SER A 42 15.30 19.21 5.34
C SER A 42 14.96 17.77 5.76
N PRO A 43 15.57 16.78 5.08
CA PRO A 43 15.32 15.36 5.39
C PRO A 43 15.60 14.91 6.82
N ARG A 44 14.54 14.43 7.45
CA ARG A 44 14.59 13.94 8.81
C ARG A 44 13.48 12.89 8.87
N GLU A 45 13.56 12.02 9.87
CA GLU A 45 12.57 10.98 10.07
C GLU A 45 11.41 11.71 10.79
N GLU A 46 10.22 11.74 10.18
CA GLU A 46 9.07 12.45 10.76
C GLU A 46 7.79 11.63 11.04
N PRO A 47 7.09 11.96 12.15
CA PRO A 47 5.86 11.26 12.50
C PRO A 47 4.73 11.41 11.49
N ARG A 48 3.95 10.34 11.35
CA ARG A 48 2.79 10.26 10.46
C ARG A 48 1.69 9.54 11.25
N ALA A 49 1.95 9.36 12.54
CA ALA A 49 1.04 8.72 13.48
C ALA A 49 1.21 9.42 14.85
N PRO A 50 0.08 9.77 15.50
CA PRO A 50 0.05 10.45 16.81
C PRO A 50 0.85 9.78 17.93
N TRP A 51 0.78 8.45 18.00
CA TRP A 51 1.47 7.69 19.03
C TRP A 51 3.00 7.58 18.93
N ILE A 52 3.58 8.01 17.80
CA ILE A 52 5.04 7.99 17.65
C ILE A 52 5.62 9.34 18.11
N GLU A 53 4.76 10.35 18.17
CA GLU A 53 5.15 11.73 18.55
C GLU A 53 5.77 11.90 19.94
N GLN A 54 5.35 11.06 20.88
CA GLN A 54 5.87 11.13 22.25
C GLN A 54 7.34 10.75 22.36
N GLU A 55 7.86 10.01 21.36
CA GLU A 55 9.25 9.58 21.38
C GLU A 55 10.16 10.80 21.55
N GLY A 56 11.20 10.65 22.37
CA GLY A 56 12.11 11.75 22.60
C GLY A 56 12.96 12.21 21.42
N PRO A 57 13.76 13.28 21.61
CA PRO A 57 14.64 13.86 20.60
C PRO A 57 15.65 12.82 20.11
N GLU A 58 16.20 12.06 21.04
CA GLU A 58 17.17 11.03 20.74
C GLU A 58 16.62 10.00 19.74
N TYR A 59 15.35 9.63 19.88
CA TYR A 59 14.77 8.66 18.97
C TYR A 59 14.75 9.19 17.56
N TRP A 60 14.41 10.46 17.40
CA TRP A 60 14.33 11.04 16.06
C TRP A 60 15.69 11.19 15.38
N ASP A 61 16.68 11.58 16.17
CA ASP A 61 18.04 11.74 15.65
C ASP A 61 18.65 10.39 15.28
N ARG A 62 18.53 9.39 16.13
CA ARG A 62 19.11 8.11 15.78
C ARG A 62 18.50 7.58 14.46
N ASN A 63 17.17 7.67 14.33
CA ASN A 63 16.52 7.19 13.12
C ASN A 63 16.75 8.09 11.93
N THR A 64 16.97 9.37 12.15
CA THR A 64 17.25 10.26 11.03
C THR A 64 18.62 9.88 10.45
N GLN A 65 19.58 9.56 11.32
CA GLN A 65 20.91 9.16 10.85
C GLN A 65 20.83 7.84 10.07
N ILE A 66 20.11 6.86 10.62
CA ILE A 66 19.96 5.56 9.96
C ILE A 66 19.44 5.78 8.52
N PHE A 67 18.41 6.61 8.35
CA PHE A 67 17.86 6.84 7.03
C PHE A 67 18.73 7.72 6.15
N LYS A 68 19.56 8.56 6.76
CA LYS A 68 20.47 9.38 5.95
C LYS A 68 21.59 8.47 5.41
N THR A 69 22.07 7.57 6.26
CA THR A 69 23.10 6.62 5.88
C THR A 69 22.52 5.58 4.90
N ASN A 70 21.25 5.20 5.08
CA ASN A 70 20.61 4.24 4.17
C ASN A 70 20.47 4.85 2.78
N THR A 71 20.35 6.17 2.71
CA THR A 71 20.23 6.88 1.43
C THR A 71 21.53 6.68 0.65
N GLN A 72 22.69 6.89 1.30
CA GLN A 72 23.98 6.70 0.63
C GLN A 72 24.20 5.24 0.26
N THR A 73 23.84 4.33 1.17
CA THR A 73 23.99 2.89 0.92
C THR A 73 23.19 2.45 -0.31
N ASP A 74 21.95 2.93 -0.41
CA ASP A 74 21.09 2.59 -1.54
C ASP A 74 21.62 3.22 -2.84
N ARG A 75 22.19 4.41 -2.73
CA ARG A 75 22.76 5.06 -3.89
C ARG A 75 23.96 4.27 -4.42
N GLU A 76 24.73 3.76 -3.51
CA GLU A 76 25.91 2.97 -3.88
C GLU A 76 25.45 1.63 -4.50
N SER A 77 24.36 1.11 -3.96
CA SER A 77 23.79 -0.17 -4.44
C SER A 77 23.30 -0.03 -5.87
N LEU A 78 22.59 1.06 -6.16
CA LEU A 78 22.08 1.33 -7.51
C LEU A 78 23.26 1.41 -8.48
N ARG A 79 24.37 2.04 -8.08
CA ARG A 79 25.56 2.14 -8.92
C ARG A 79 26.06 0.73 -9.25
N ASN A 80 26.22 -0.09 -8.21
CA ASN A 80 26.65 -1.47 -8.35
C ASN A 80 25.71 -2.28 -9.22
N LEU A 81 24.40 -2.10 -9.02
CA LEU A 81 23.36 -2.81 -9.78
C LEU A 81 23.41 -2.56 -11.30
N ARG A 82 23.74 -1.34 -11.66
CA ARG A 82 23.89 -0.94 -13.07
C ARG A 82 25.04 -1.80 -13.67
N GLY A 83 26.18 -1.86 -12.97
CA GLY A 83 27.31 -2.66 -13.39
C GLY A 83 27.00 -4.14 -13.52
N TYR A 84 26.29 -4.71 -12.53
CA TYR A 84 25.93 -6.13 -12.55
C TYR A 84 25.06 -6.50 -13.77
N TYR A 85 24.37 -5.50 -14.31
CA TYR A 85 23.51 -5.73 -15.46
C TYR A 85 24.03 -5.10 -16.76
N ASN A 86 25.23 -4.54 -16.70
CA ASN A 86 25.84 -3.94 -17.88
C ASN A 86 24.90 -2.91 -18.43
N GLN A 87 24.29 -2.17 -17.52
CA GLN A 87 23.38 -1.12 -17.93
C GLN A 87 24.03 0.24 -18.20
N SER A 88 23.42 0.98 -19.12
CA SER A 88 23.88 2.31 -19.49
C SER A 88 23.69 3.25 -18.30
N GLU A 89 24.49 4.31 -18.23
CA GLU A 89 24.34 5.27 -17.15
C GLU A 89 23.28 6.32 -17.48
N ALA A 90 22.62 6.14 -18.63
CA ALA A 90 21.57 7.03 -19.11
C ALA A 90 20.17 6.68 -18.62
N GLY A 91 19.94 5.40 -18.35
CA GLY A 91 18.65 4.98 -17.87
C GLY A 91 18.38 5.25 -16.39
N SER A 92 17.10 5.29 -16.06
CA SER A 92 16.62 5.50 -14.71
C SER A 92 16.24 4.08 -14.18
N HIS A 93 16.54 3.79 -12.90
CA HIS A 93 16.23 2.49 -12.28
C HIS A 93 15.69 2.60 -10.86
N THR A 94 15.08 1.52 -10.35
CA THR A 94 14.49 1.46 -9.01
C THR A 94 14.96 0.30 -8.11
N LEU A 95 15.42 0.62 -6.90
CA LEU A 95 15.80 -0.39 -5.92
C LEU A 95 14.77 -0.24 -4.81
N GLN A 96 14.02 -1.31 -4.55
CA GLN A 96 13.01 -1.33 -3.51
C GLN A 96 13.38 -2.39 -2.46
N SER A 97 13.00 -2.13 -1.22
CA SER A 97 13.25 -3.07 -0.09
C SER A 97 12.12 -3.01 0.93
N MET A 98 11.94 -4.14 1.52
CA MET A 98 10.97 -4.38 2.58
C MET A 98 11.67 -5.20 3.61
N TYR A 99 11.65 -4.71 4.85
CA TYR A 99 12.23 -5.41 5.99
C TYR A 99 11.31 -5.17 7.20
N GLY A 100 11.24 -6.15 8.08
CA GLY A 100 10.39 -6.02 9.26
C GLY A 100 10.19 -7.38 9.89
N CYS A 101 9.32 -7.44 10.88
CA CYS A 101 9.05 -8.67 11.62
C CYS A 101 7.57 -8.82 11.88
N ASP A 102 7.15 -10.06 12.11
CA ASP A 102 5.76 -10.35 12.46
C ASP A 102 5.80 -10.95 13.86
N VAL A 103 4.90 -10.50 14.74
CA VAL A 103 4.82 -11.03 16.08
C VAL A 103 3.43 -11.59 16.38
N GLY A 104 3.39 -12.62 17.21
CA GLY A 104 2.14 -13.23 17.60
C GLY A 104 1.44 -12.38 18.63
N PRO A 105 0.26 -12.82 19.11
CA PRO A 105 -0.53 -12.11 20.12
C PRO A 105 0.28 -11.87 21.40
N ASP A 106 1.18 -12.80 21.72
CA ASP A 106 2.05 -12.66 22.89
C ASP A 106 3.30 -11.84 22.57
N GLY A 107 3.36 -11.31 21.36
CA GLY A 107 4.49 -10.50 20.96
C GLY A 107 5.75 -11.27 20.64
N ARG A 108 5.64 -12.57 20.41
CA ARG A 108 6.81 -13.38 20.10
C ARG A 108 7.00 -13.41 18.59
N LEU A 109 8.26 -13.39 18.16
CA LEU A 109 8.63 -13.41 16.75
C LEU A 109 8.01 -14.58 16.00
N LEU A 110 7.23 -14.27 14.97
CA LEU A 110 6.64 -15.29 14.14
C LEU A 110 7.57 -15.46 12.93
N ARG A 111 8.09 -14.35 12.41
CA ARG A 111 9.03 -14.36 11.29
C ARG A 111 9.63 -13.01 10.88
N GLY A 112 10.86 -13.05 10.35
CA GLY A 112 11.54 -11.85 9.91
C GLY A 112 11.56 -11.77 8.40
N HIS A 113 11.75 -10.54 7.89
CA HIS A 113 11.78 -10.27 6.46
C HIS A 113 12.85 -9.25 6.11
N ASN A 114 13.52 -9.47 4.99
CA ASN A 114 14.53 -8.55 4.43
C ASN A 114 14.73 -8.93 2.96
N GLN A 115 13.99 -8.27 2.08
CA GLN A 115 14.09 -8.57 0.65
C GLN A 115 14.18 -7.34 -0.23
N TYR A 116 14.65 -7.55 -1.46
CA TYR A 116 14.86 -6.47 -2.43
C TYR A 116 14.37 -6.80 -3.80
N ALA A 117 14.03 -5.75 -4.55
CA ALA A 117 13.58 -5.93 -5.93
C ALA A 117 14.24 -4.86 -6.79
N TYR A 118 14.77 -5.25 -7.94
CA TYR A 118 15.40 -4.30 -8.83
C TYR A 118 14.51 -4.13 -10.06
N ASP A 119 14.08 -2.89 -10.30
CA ASP A 119 13.18 -2.54 -11.40
C ASP A 119 11.91 -3.37 -11.39
N GLY A 120 11.41 -3.67 -10.20
CA GLY A 120 10.19 -4.44 -10.06
C GLY A 120 10.27 -5.95 -10.05
N LYS A 121 11.48 -6.48 -10.18
CA LYS A 121 11.67 -7.92 -10.18
C LYS A 121 12.43 -8.28 -8.93
N ASP A 122 12.05 -9.38 -8.29
CA ASP A 122 12.72 -9.84 -7.08
C ASP A 122 14.16 -10.05 -7.38
N TYR A 123 15.01 -9.58 -6.48
CA TYR A 123 16.45 -9.61 -6.64
C TYR A 123 17.14 -10.53 -5.64
N ILE A 124 16.94 -10.30 -4.36
CA ILE A 124 17.52 -11.13 -3.32
C ILE A 124 16.70 -11.02 -2.03
N ALA A 125 16.67 -12.09 -1.24
CA ALA A 125 15.90 -12.13 0.00
C ALA A 125 16.57 -12.94 1.07
N LEU A 126 16.43 -12.49 2.33
CA LEU A 126 16.95 -13.24 3.46
C LEU A 126 15.86 -14.32 3.69
N ASN A 127 16.29 -15.58 3.71
CA ASN A 127 15.36 -16.69 3.93
C ASN A 127 14.75 -16.65 5.33
N GLU A 128 13.70 -17.44 5.53
CA GLU A 128 13.03 -17.44 6.83
C GLU A 128 13.92 -17.84 7.98
N ASP A 129 14.98 -18.61 7.71
CA ASP A 129 15.93 -19.02 8.77
C ASP A 129 16.73 -17.86 9.33
N LEU A 130 16.67 -16.72 8.64
CA LEU A 130 17.41 -15.53 9.04
C LEU A 130 18.91 -15.79 9.05
N ARG A 131 19.34 -16.76 8.22
CA ARG A 131 20.75 -17.15 8.11
C ARG A 131 21.27 -17.25 6.66
N SER A 132 20.42 -17.52 5.69
CA SER A 132 20.87 -17.70 4.32
C SER A 132 20.13 -16.84 3.33
N TRP A 133 20.57 -16.84 2.08
CA TRP A 133 19.95 -16.02 1.07
C TRP A 133 19.49 -16.79 -0.15
N THR A 134 18.55 -16.17 -0.86
CA THR A 134 18.02 -16.67 -2.11
C THR A 134 18.22 -15.54 -3.13
N ALA A 135 19.04 -15.80 -4.15
CA ALA A 135 19.33 -14.83 -5.21
C ALA A 135 18.54 -15.21 -6.44
N ALA A 136 18.02 -14.20 -7.14
CA ALA A 136 17.22 -14.43 -8.32
C ALA A 136 17.98 -14.76 -9.61
N ASP A 137 19.17 -14.18 -9.75
CA ASP A 137 19.99 -14.36 -10.95
C ASP A 137 21.47 -14.21 -10.63
N THR A 138 22.33 -14.26 -11.65
CA THR A 138 23.77 -14.14 -11.46
C THR A 138 24.23 -12.79 -10.93
N ALA A 139 23.43 -11.75 -11.10
CA ALA A 139 23.78 -10.43 -10.54
C ALA A 139 23.57 -10.49 -9.01
N ALA A 140 22.44 -11.06 -8.62
CA ALA A 140 22.11 -11.17 -7.22
C ALA A 140 23.13 -12.06 -6.49
N GLN A 141 23.71 -13.02 -7.22
CA GLN A 141 24.73 -13.91 -6.65
C GLN A 141 25.97 -13.12 -6.24
N ILE A 142 26.24 -12.00 -6.91
CA ILE A 142 27.37 -11.15 -6.54
C ILE A 142 27.03 -10.53 -5.18
N THR A 143 25.82 -10.00 -5.04
CA THR A 143 25.37 -9.45 -3.76
C THR A 143 25.44 -10.55 -2.67
N GLN A 144 24.99 -11.77 -3.00
CA GLN A 144 25.03 -12.87 -2.05
C GLN A 144 26.45 -13.20 -1.56
N ARG A 145 27.42 -13.26 -2.48
CA ARG A 145 28.80 -13.57 -2.11
C ARG A 145 29.37 -12.51 -1.15
N LYS A 146 29.10 -11.24 -1.44
CA LYS A 146 29.56 -10.14 -0.60
C LYS A 146 28.93 -10.17 0.80
N TRP A 147 27.62 -10.45 0.86
CA TRP A 147 26.88 -10.53 2.12
C TRP A 147 27.30 -11.74 2.93
N GLU A 148 27.53 -12.86 2.26
CA GLU A 148 27.95 -14.06 2.95
C GLU A 148 29.30 -13.84 3.61
N ALA A 149 30.18 -13.16 2.88
CA ALA A 149 31.53 -12.86 3.33
C ALA A 149 31.60 -11.84 4.45
N ALA A 150 30.73 -10.83 4.41
CA ALA A 150 30.71 -9.80 5.47
C ALA A 150 29.83 -10.23 6.64
N ARG A 151 29.22 -11.40 6.51
CA ARG A 151 28.33 -11.94 7.54
C ARG A 151 27.19 -10.95 7.82
N VAL A 152 26.54 -10.52 6.73
CA VAL A 152 25.47 -9.56 6.81
C VAL A 152 24.22 -10.14 7.42
N ALA A 153 23.90 -11.38 7.06
CA ALA A 153 22.72 -12.07 7.56
C ALA A 153 22.67 -12.05 9.11
N GLU A 154 23.83 -12.19 9.75
CA GLU A 154 23.90 -12.20 11.23
C GLU A 154 23.46 -10.89 11.80
N GLN A 155 23.73 -9.82 11.06
CA GLN A 155 23.38 -8.47 11.47
C GLN A 155 21.89 -8.24 11.29
N ASP A 156 21.35 -8.66 10.14
CA ASP A 156 19.93 -8.52 9.88
C ASP A 156 19.17 -9.33 10.91
N ARG A 157 19.62 -10.55 11.17
CA ARG A 157 18.98 -11.45 12.13
C ARG A 157 18.83 -10.83 13.52
N ALA A 158 19.89 -10.20 14.02
CA ALA A 158 19.84 -9.59 15.34
C ALA A 158 18.83 -8.43 15.33
N TYR A 159 18.73 -7.73 14.20
CA TYR A 159 17.76 -6.65 14.11
C TYR A 159 16.35 -7.26 14.07
N LEU A 160 16.12 -8.24 13.22
CA LEU A 160 14.80 -8.84 13.12
C LEU A 160 14.29 -9.53 14.40
N GLU A 161 15.20 -10.18 15.12
CA GLU A 161 14.84 -10.90 16.35
C GLU A 161 14.89 -10.02 17.59
N GLY A 162 15.72 -8.99 17.59
CA GLY A 162 15.84 -8.14 18.76
C GLY A 162 15.17 -6.81 18.60
N THR A 163 15.90 -5.85 18.09
CA THR A 163 15.42 -4.49 17.89
C THR A 163 14.05 -4.34 17.25
N CYS A 164 13.78 -5.09 16.19
CA CYS A 164 12.51 -4.98 15.48
C CYS A 164 11.32 -5.36 16.35
N VAL A 165 11.44 -6.51 17.00
CA VAL A 165 10.40 -7.04 17.87
C VAL A 165 10.15 -6.14 19.06
N GLU A 166 11.20 -5.59 19.64
CA GLU A 166 11.09 -4.67 20.77
C GLU A 166 10.42 -3.33 20.45
N TRP A 167 10.71 -2.75 19.29
CA TRP A 167 10.07 -1.50 18.92
C TRP A 167 8.62 -1.75 18.56
N LEU A 168 8.35 -2.88 17.92
CA LEU A 168 6.98 -3.21 17.59
C LEU A 168 6.19 -3.35 18.90
N ARG A 169 6.73 -4.08 19.88
CA ARG A 169 6.08 -4.25 21.18
C ARG A 169 5.85 -2.90 21.88
N ARG A 170 6.81 -1.98 21.75
CA ARG A 170 6.67 -0.68 22.34
C ARG A 170 5.59 0.15 21.62
N TYR A 171 5.62 0.14 20.28
CA TYR A 171 4.67 0.86 19.46
C TYR A 171 3.25 0.41 19.69
N LEU A 172 3.06 -0.90 19.78
CA LEU A 172 1.75 -1.48 19.98
C LEU A 172 1.11 -1.07 21.30
N GLU A 173 1.93 -0.91 22.33
CA GLU A 173 1.46 -0.51 23.65
C GLU A 173 1.10 0.97 23.64
N ASN A 174 1.90 1.79 22.96
CA ASN A 174 1.66 3.23 22.89
C ASN A 174 0.48 3.66 22.02
N GLY A 175 0.13 2.82 21.07
CA GLY A 175 -0.99 3.10 20.19
C GLY A 175 -2.05 2.03 20.33
N LYS A 176 -2.17 1.46 21.53
CA LYS A 176 -3.13 0.39 21.74
C LYS A 176 -4.59 0.67 21.38
N ASP A 177 -5.03 1.93 21.50
CA ASP A 177 -6.41 2.32 21.18
C ASP A 177 -6.77 2.17 19.70
N THR A 178 -5.79 2.25 18.83
CA THR A 178 -6.00 2.12 17.39
C THR A 178 -5.33 0.87 16.82
N LEU A 179 -4.06 0.67 17.14
CA LEU A 179 -3.31 -0.47 16.64
C LEU A 179 -3.94 -1.80 17.02
N GLU A 180 -4.44 -1.88 18.26
CA GLU A 180 -5.11 -3.09 18.76
C GLU A 180 -6.64 -3.05 18.59
N ARG A 181 -7.15 -2.16 17.73
CA ARG A 181 -8.59 -2.08 17.53
C ARG A 181 -8.97 -2.45 16.10
N ALA A 182 -9.82 -3.46 15.96
CA ALA A 182 -10.26 -3.80 14.62
C ALA A 182 -11.63 -3.15 14.49
N ASP A 183 -11.84 -2.42 13.40
CA ASP A 183 -13.11 -1.78 13.11
C ASP A 183 -13.87 -2.60 12.09
N PRO A 184 -15.03 -3.12 12.46
CA PRO A 184 -15.83 -3.92 11.54
C PRO A 184 -16.37 -3.17 10.31
N PRO A 185 -16.56 -3.87 9.19
CA PRO A 185 -17.08 -3.12 8.06
C PRO A 185 -18.59 -2.87 8.21
N LYS A 186 -19.06 -1.74 7.68
CA LYS A 186 -20.48 -1.43 7.66
C LYS A 186 -20.83 -2.02 6.29
N THR A 187 -21.82 -2.89 6.24
CA THR A 187 -22.16 -3.55 5.00
C THR A 187 -23.58 -3.35 4.50
N HIS A 188 -23.77 -3.46 3.19
CA HIS A 188 -25.07 -3.35 2.53
C HIS A 188 -24.97 -3.79 1.08
N VAL A 189 -26.10 -4.09 0.45
CA VAL A 189 -26.11 -4.52 -0.93
C VAL A 189 -26.95 -3.56 -1.75
N THR A 190 -26.45 -3.13 -2.89
CA THR A 190 -27.23 -2.24 -3.73
C THR A 190 -27.65 -3.07 -4.93
N HIS A 191 -28.48 -2.51 -5.79
CA HIS A 191 -28.99 -3.22 -6.97
C HIS A 191 -29.19 -2.21 -8.11
N HIS A 192 -28.49 -2.43 -9.23
CA HIS A 192 -28.61 -1.54 -10.39
C HIS A 192 -29.03 -2.29 -11.64
N PRO A 193 -30.28 -2.07 -12.10
CA PRO A 193 -30.69 -2.77 -13.32
C PRO A 193 -29.75 -2.37 -14.47
N ILE A 194 -29.46 -3.33 -15.34
CA ILE A 194 -28.59 -3.14 -16.51
C ILE A 194 -29.46 -3.16 -17.79
N SER A 195 -30.47 -4.02 -17.79
CA SER A 195 -31.36 -4.16 -18.93
C SER A 195 -32.60 -4.81 -18.34
N ASP A 196 -33.58 -5.16 -19.16
CA ASP A 196 -34.78 -5.81 -18.61
C ASP A 196 -34.44 -7.22 -18.11
N HIS A 197 -33.33 -7.75 -18.62
CA HIS A 197 -32.88 -9.11 -18.34
C HIS A 197 -31.92 -9.32 -17.16
N GLU A 198 -31.07 -8.35 -16.86
CA GLU A 198 -30.10 -8.49 -15.78
C GLU A 198 -29.97 -7.26 -14.91
N ALA A 199 -29.42 -7.44 -13.72
CA ALA A 199 -29.17 -6.35 -12.78
C ALA A 199 -27.90 -6.68 -12.05
N THR A 200 -27.24 -5.66 -11.53
CA THR A 200 -26.01 -5.80 -10.79
C THR A 200 -26.36 -5.72 -9.29
N LEU A 201 -25.82 -6.64 -8.50
CA LEU A 201 -25.97 -6.65 -7.06
C LEU A 201 -24.53 -6.37 -6.61
N ARG A 202 -24.34 -5.28 -5.88
CA ARG A 202 -23.02 -4.94 -5.41
C ARG A 202 -23.01 -5.05 -3.88
N CYS A 203 -22.09 -5.83 -3.34
CA CYS A 203 -21.99 -5.95 -1.90
C CYS A 203 -20.87 -5.03 -1.41
N TRP A 204 -21.21 -4.13 -0.49
CA TRP A 204 -20.30 -3.15 0.09
C TRP A 204 -19.77 -3.44 1.47
N ALA A 205 -18.52 -3.03 1.69
CA ALA A 205 -17.82 -3.16 2.96
C ALA A 205 -17.13 -1.80 3.11
N LEU A 206 -17.50 -1.05 4.16
CA LEU A 206 -16.95 0.30 4.38
C LEU A 206 -16.53 0.53 5.81
N GLY A 207 -15.57 1.42 5.99
CA GLY A 207 -15.07 1.80 7.29
C GLY A 207 -14.33 0.77 8.13
N PHE A 208 -13.76 -0.23 7.47
CA PHE A 208 -13.07 -1.28 8.21
C PHE A 208 -11.56 -1.12 8.30
N TYR A 209 -11.01 -1.71 9.37
CA TYR A 209 -9.59 -1.72 9.67
C TYR A 209 -9.39 -3.00 10.47
N PRO A 210 -8.35 -3.79 10.18
CA PRO A 210 -7.35 -3.57 9.13
C PRO A 210 -7.89 -3.89 7.72
N ALA A 211 -7.09 -3.65 6.70
CA ALA A 211 -7.47 -3.86 5.31
C ALA A 211 -7.92 -5.24 4.95
N GLU A 212 -7.28 -6.26 5.52
CA GLU A 212 -7.60 -7.67 5.24
C GLU A 212 -9.08 -7.99 5.37
N ILE A 213 -9.68 -8.48 4.28
CA ILE A 213 -11.10 -8.83 4.28
C ILE A 213 -11.42 -9.85 3.18
N THR A 214 -12.57 -10.50 3.29
CA THR A 214 -13.02 -11.43 2.27
C THR A 214 -14.49 -11.17 1.96
N LEU A 215 -14.77 -10.76 0.72
CA LEU A 215 -16.13 -10.54 0.24
C LEU A 215 -16.40 -11.53 -0.88
N THR A 216 -17.41 -12.35 -0.74
CA THR A 216 -17.75 -13.31 -1.79
C THR A 216 -19.26 -13.37 -2.02
N TRP A 217 -19.64 -13.81 -3.21
CA TRP A 217 -21.04 -13.96 -3.56
C TRP A 217 -21.28 -15.43 -3.86
N GLN A 218 -22.42 -15.95 -3.42
CA GLN A 218 -22.79 -17.34 -3.69
C GLN A 218 -24.17 -17.35 -4.35
N ARG A 219 -24.36 -18.15 -5.41
CA ARG A 219 -25.70 -18.27 -5.98
C ARG A 219 -26.10 -19.68 -5.57
N ASP A 220 -27.15 -19.78 -4.75
CA ASP A 220 -27.62 -21.07 -4.26
C ASP A 220 -26.54 -21.77 -3.43
N GLY A 221 -25.81 -21.03 -2.58
CA GLY A 221 -24.77 -21.63 -1.76
C GLY A 221 -23.47 -22.00 -2.47
N GLU A 222 -23.41 -21.72 -3.78
CA GLU A 222 -22.23 -21.99 -4.58
C GLU A 222 -21.44 -20.71 -4.76
N ASP A 223 -20.13 -20.78 -4.53
CA ASP A 223 -19.27 -19.62 -4.69
C ASP A 223 -19.24 -19.20 -6.15
N GLN A 224 -19.29 -17.89 -6.39
CA GLN A 224 -19.28 -17.38 -7.75
C GLN A 224 -17.97 -16.70 -8.11
N THR A 225 -16.87 -17.31 -7.74
CA THR A 225 -15.58 -16.70 -7.99
C THR A 225 -15.32 -16.23 -9.42
N GLN A 226 -15.56 -17.09 -10.41
CA GLN A 226 -15.33 -16.73 -11.81
C GLN A 226 -16.22 -15.59 -12.28
N ASP A 227 -17.38 -15.46 -11.65
CA ASP A 227 -18.37 -14.44 -12.03
C ASP A 227 -18.45 -13.17 -11.20
N THR A 228 -17.63 -13.08 -10.15
CA THR A 228 -17.64 -11.92 -9.29
C THR A 228 -16.62 -10.86 -9.69
N GLU A 229 -17.03 -9.61 -9.74
CA GLU A 229 -16.08 -8.55 -10.03
C GLU A 229 -15.74 -7.98 -8.66
N LEU A 230 -14.47 -8.08 -8.31
CA LEU A 230 -13.94 -7.65 -7.02
C LEU A 230 -12.98 -6.48 -7.22
N VAL A 231 -13.20 -5.36 -6.53
CA VAL A 231 -12.24 -4.26 -6.66
C VAL A 231 -11.16 -4.41 -5.61
N GLU A 232 -10.04 -3.76 -5.85
CA GLU A 232 -8.95 -3.80 -4.91
C GLU A 232 -9.38 -2.95 -3.70
N THR A 233 -9.07 -3.44 -2.50
CA THR A 233 -9.36 -2.75 -1.26
C THR A 233 -8.67 -1.40 -1.36
N ARG A 234 -9.42 -0.34 -1.07
CA ARG A 234 -8.91 1.02 -1.20
C ARG A 234 -9.01 1.82 0.09
N PRO A 235 -8.05 2.73 0.33
CA PRO A 235 -8.05 3.56 1.54
C PRO A 235 -9.10 4.65 1.45
N ALA A 236 -9.83 4.87 2.54
CA ALA A 236 -10.83 5.92 2.54
C ALA A 236 -10.15 7.24 2.95
N GLY A 237 -9.03 7.16 3.67
CA GLY A 237 -8.34 8.37 4.09
C GLY A 237 -8.51 8.72 5.57
N ASP A 238 -9.25 7.87 6.29
CA ASP A 238 -9.51 8.08 7.71
C ASP A 238 -8.96 6.90 8.52
N ARG A 239 -8.06 6.18 7.86
CA ARG A 239 -7.38 5.01 8.36
C ARG A 239 -8.14 3.76 7.93
N THR A 240 -9.40 3.93 7.53
CA THR A 240 -10.20 2.78 7.15
C THR A 240 -10.11 2.43 5.67
N PHE A 241 -10.70 1.29 5.31
CA PHE A 241 -10.69 0.81 3.95
C PHE A 241 -12.08 0.51 3.43
N GLN A 242 -12.18 0.35 2.12
CA GLN A 242 -13.45 0.08 1.48
C GLN A 242 -13.25 -1.01 0.42
N LYS A 243 -14.31 -1.70 0.05
CA LYS A 243 -14.19 -2.73 -0.98
C LYS A 243 -15.59 -3.18 -1.39
N TRP A 244 -15.74 -3.65 -2.62
CA TRP A 244 -17.02 -4.16 -3.08
C TRP A 244 -16.83 -5.32 -4.03
N ALA A 245 -17.83 -6.19 -4.06
CA ALA A 245 -17.86 -7.37 -4.92
C ALA A 245 -19.19 -7.29 -5.65
N ALA A 246 -19.16 -7.42 -6.97
CA ALA A 246 -20.40 -7.34 -7.72
C ALA A 246 -20.66 -8.56 -8.61
N VAL A 247 -21.93 -8.84 -8.87
CA VAL A 247 -22.29 -9.96 -9.69
C VAL A 247 -23.54 -9.56 -10.54
N VAL A 248 -23.54 -9.93 -11.82
CA VAL A 248 -24.67 -9.64 -12.69
C VAL A 248 -25.60 -10.83 -12.57
N VAL A 249 -26.86 -10.57 -12.26
CA VAL A 249 -27.82 -11.64 -12.06
C VAL A 249 -29.03 -11.45 -12.94
N PRO A 250 -29.73 -12.54 -13.27
CA PRO A 250 -30.92 -12.45 -14.11
C PRO A 250 -32.04 -11.85 -13.24
N SER A 251 -32.88 -11.00 -13.82
CA SER A 251 -33.97 -10.37 -13.08
C SER A 251 -34.89 -11.39 -12.47
N GLY A 252 -35.28 -11.17 -11.21
CA GLY A 252 -36.18 -12.11 -10.57
C GLY A 252 -35.45 -13.16 -9.75
N GLU A 253 -34.14 -13.27 -9.94
CA GLU A 253 -33.34 -14.24 -9.22
C GLU A 253 -32.42 -13.67 -8.12
N GLU A 254 -32.61 -12.39 -7.81
CA GLU A 254 -31.79 -11.75 -6.79
C GLU A 254 -31.76 -12.47 -5.46
N GLN A 255 -32.88 -13.08 -5.04
CA GLN A 255 -32.90 -13.77 -3.74
C GLN A 255 -32.13 -15.08 -3.64
N ARG A 256 -31.62 -15.54 -4.78
CA ARG A 256 -30.81 -16.75 -4.82
C ARG A 256 -29.36 -16.41 -4.55
N TYR A 257 -29.06 -15.13 -4.37
CA TYR A 257 -27.70 -14.68 -4.13
C TYR A 257 -27.43 -14.16 -2.72
N THR A 258 -26.30 -14.55 -2.15
CA THR A 258 -25.91 -14.12 -0.81
C THR A 258 -24.47 -13.63 -0.80
N CYS A 259 -24.25 -12.52 -0.12
CA CYS A 259 -22.93 -11.94 0.01
C CYS A 259 -22.39 -12.35 1.37
N HIS A 260 -21.14 -12.83 1.39
CA HIS A 260 -20.52 -13.27 2.64
C HIS A 260 -19.32 -12.39 2.96
N VAL A 261 -19.31 -11.86 4.19
CA VAL A 261 -18.23 -10.98 4.64
C VAL A 261 -17.45 -11.57 5.81
N GLN A 262 -16.14 -11.64 5.69
CA GLN A 262 -15.27 -12.14 6.77
C GLN A 262 -14.31 -11.01 7.09
N HIS A 263 -14.22 -10.64 8.36
CA HIS A 263 -13.31 -9.59 8.78
C HIS A 263 -13.00 -9.85 10.26
N GLU A 264 -11.76 -9.61 10.70
CA GLU A 264 -11.43 -9.89 12.09
C GLU A 264 -12.12 -9.05 13.14
N GLY A 265 -12.78 -7.97 12.72
CA GLY A 265 -13.49 -7.10 13.64
C GLY A 265 -14.94 -7.56 13.78
N LEU A 266 -15.25 -8.73 13.23
CA LEU A 266 -16.58 -9.34 13.27
C LEU A 266 -16.50 -10.64 14.08
N PRO A 267 -17.41 -10.82 15.05
CA PRO A 267 -17.47 -12.02 15.91
C PRO A 267 -17.74 -13.30 15.10
N LYS A 268 -18.75 -13.22 14.23
CA LYS A 268 -19.12 -14.32 13.36
C LYS A 268 -19.23 -13.67 11.98
N PRO A 269 -18.89 -14.41 10.91
CA PRO A 269 -18.99 -13.88 9.54
C PRO A 269 -20.44 -13.52 9.16
N LEU A 270 -20.61 -12.56 8.25
CA LEU A 270 -21.92 -12.09 7.83
C LEU A 270 -22.40 -12.68 6.50
N THR A 271 -23.71 -12.64 6.32
CA THR A 271 -24.38 -13.14 5.14
C THR A 271 -25.42 -12.06 4.88
N LEU A 272 -25.35 -11.41 3.72
CA LEU A 272 -26.29 -10.34 3.36
C LEU A 272 -26.92 -10.66 2.03
N ARG A 273 -28.07 -10.06 1.77
CA ARG A 273 -28.77 -10.25 0.50
C ARG A 273 -29.45 -8.93 0.19
N TRP A 274 -29.81 -8.73 -1.06
CA TRP A 274 -30.52 -7.51 -1.43
C TRP A 274 -31.86 -7.43 -0.70
N GLU A 275 -32.15 -6.27 -0.13
CA GLU A 275 -33.39 -6.03 0.60
C GLU A 275 -34.13 -4.97 -0.23
N PRO A 276 -35.06 -5.38 -1.09
CA PRO A 276 -35.83 -4.47 -1.94
C PRO A 276 -36.46 -3.30 -1.18
N ILE B 1 10.70 -4.09 -16.28
CA ILE B 1 9.22 -4.31 -16.40
C ILE B 1 8.44 -2.99 -16.21
N GLN B 2 7.21 -2.97 -16.71
CA GLN B 2 6.35 -1.81 -16.59
C GLN B 2 4.96 -2.31 -16.34
N ARG B 3 4.29 -1.73 -15.34
CA ARG B 3 2.94 -2.10 -14.98
C ARG B 3 2.07 -0.83 -14.95
N THR B 4 0.91 -0.89 -15.59
CA THR B 4 0.02 0.26 -15.66
C THR B 4 -0.91 0.41 -14.45
N PRO B 5 -1.15 1.66 -14.01
CA PRO B 5 -2.02 1.90 -12.85
C PRO B 5 -3.48 1.60 -13.00
N LYS B 6 -4.02 1.03 -11.92
CA LYS B 6 -5.42 0.72 -11.78
C LYS B 6 -5.89 2.04 -11.13
N ILE B 7 -7.06 2.52 -11.53
CA ILE B 7 -7.53 3.82 -11.04
C ILE B 7 -8.91 3.75 -10.41
N GLN B 8 -9.06 4.25 -9.18
CA GLN B 8 -10.37 4.28 -8.52
C GLN B 8 -10.70 5.67 -8.02
N VAL B 9 -11.86 6.22 -8.41
CA VAL B 9 -12.30 7.56 -7.97
C VAL B 9 -13.54 7.30 -7.13
N TYR B 10 -13.55 7.85 -5.92
CA TYR B 10 -14.65 7.64 -4.97
C TYR B 10 -14.57 8.66 -3.85
N SER B 11 -15.57 8.65 -2.96
CA SER B 11 -15.60 9.58 -1.82
C SER B 11 -15.32 8.86 -0.52
N ARG B 12 -14.80 9.58 0.46
CA ARG B 12 -14.47 8.98 1.75
C ARG B 12 -15.71 8.41 2.46
N HIS B 13 -16.77 9.22 2.49
CA HIS B 13 -18.05 8.83 3.10
C HIS B 13 -19.09 8.86 1.95
N PRO B 14 -20.26 8.19 2.13
CA PRO B 14 -21.30 8.18 1.09
C PRO B 14 -21.64 9.62 0.62
N ALA B 15 -21.88 9.78 -0.68
CA ALA B 15 -22.17 11.08 -1.27
C ALA B 15 -23.55 11.61 -0.99
N GLU B 16 -23.58 12.83 -0.47
CA GLU B 16 -24.81 13.50 -0.15
C GLU B 16 -24.68 14.96 -0.59
N ASN B 17 -25.36 15.30 -1.70
CA ASN B 17 -25.34 16.66 -2.28
C ASN B 17 -25.41 17.73 -1.20
N GLY B 18 -24.46 18.68 -1.21
CA GLY B 18 -24.47 19.73 -0.20
C GLY B 18 -23.65 19.49 1.05
N LYS B 19 -23.25 18.24 1.32
CA LYS B 19 -22.44 17.91 2.50
C LYS B 19 -20.98 17.72 2.12
N SER B 20 -20.09 18.36 2.89
CA SER B 20 -18.64 18.28 2.64
C SER B 20 -18.22 16.82 2.75
N ASN B 21 -17.31 16.41 1.87
CA ASN B 21 -16.84 15.03 1.80
C ASN B 21 -15.39 15.17 1.32
N PHE B 22 -14.79 14.04 0.94
CA PHE B 22 -13.42 13.99 0.40
C PHE B 22 -13.42 13.20 -0.87
N LEU B 23 -12.89 13.79 -1.94
CA LEU B 23 -12.79 13.11 -3.23
C LEU B 23 -11.44 12.42 -3.25
N ASN B 24 -11.48 11.11 -3.47
CA ASN B 24 -10.29 10.29 -3.51
C ASN B 24 -10.02 9.72 -4.89
N CYS B 25 -8.74 9.65 -5.24
CA CYS B 25 -8.31 8.98 -6.47
C CYS B 25 -7.18 8.12 -5.97
N TYR B 26 -7.41 6.82 -6.05
CA TYR B 26 -6.43 5.85 -5.60
C TYR B 26 -5.85 5.16 -6.82
N VAL B 27 -4.54 5.32 -7.02
CA VAL B 27 -3.84 4.68 -8.13
C VAL B 27 -2.97 3.58 -7.57
N SER B 28 -3.02 2.41 -8.15
CA SER B 28 -2.25 1.31 -7.63
C SER B 28 -1.82 0.30 -8.71
N GLY B 29 -0.92 -0.60 -8.32
CA GLY B 29 -0.44 -1.62 -9.22
C GLY B 29 0.53 -1.17 -10.30
N PHE B 30 1.09 0.02 -10.15
CA PHE B 30 1.98 0.55 -11.19
C PHE B 30 3.48 0.48 -10.93
N HIS B 31 4.26 0.60 -12.00
CA HIS B 31 5.72 0.55 -11.90
C HIS B 31 6.28 1.03 -13.23
N PRO B 32 7.28 1.94 -13.24
CA PRO B 32 7.92 2.61 -12.09
C PRO B 32 7.01 3.60 -11.34
N SER B 33 7.52 4.24 -10.30
CA SER B 33 6.73 5.14 -9.49
C SER B 33 6.33 6.51 -10.03
N ASP B 34 6.86 6.89 -11.18
CA ASP B 34 6.56 8.19 -11.75
C ASP B 34 5.15 8.20 -12.24
N ILE B 35 4.35 9.11 -11.71
CA ILE B 35 2.96 9.21 -12.12
C ILE B 35 2.46 10.64 -11.85
N GLU B 36 1.57 11.15 -12.69
CA GLU B 36 1.03 12.48 -12.47
C GLU B 36 -0.47 12.28 -12.42
N VAL B 37 -1.08 12.78 -11.34
CA VAL B 37 -2.51 12.64 -11.13
C VAL B 37 -3.17 13.98 -10.85
N ASP B 38 -4.30 14.21 -11.50
CA ASP B 38 -5.07 15.45 -11.33
C ASP B 38 -6.50 15.07 -10.95
N LEU B 39 -7.11 15.89 -10.10
CA LEU B 39 -8.49 15.70 -9.70
C LEU B 39 -9.14 16.89 -10.44
N LEU B 40 -10.19 16.62 -11.19
CA LEU B 40 -10.88 17.63 -12.00
C LEU B 40 -12.31 17.91 -11.52
N LYS B 41 -12.70 19.18 -11.58
CA LYS B 41 -14.04 19.65 -11.21
C LYS B 41 -14.56 20.32 -12.48
N ASN B 42 -15.36 19.60 -13.24
CA ASN B 42 -15.91 20.10 -14.50
C ASN B 42 -14.78 20.47 -15.48
N GLY B 43 -13.79 19.57 -15.57
CA GLY B 43 -12.66 19.76 -16.48
C GLY B 43 -11.43 20.50 -16.02
N GLU B 44 -11.54 21.39 -15.02
CA GLU B 44 -10.40 22.16 -14.54
C GLU B 44 -9.78 21.43 -13.35
N ARG B 45 -8.45 21.44 -13.24
CA ARG B 45 -7.83 20.73 -12.13
C ARG B 45 -8.01 21.51 -10.84
N ILE B 46 -8.06 20.77 -9.75
CA ILE B 46 -8.24 21.33 -8.41
C ILE B 46 -6.84 21.62 -7.83
N GLU B 47 -6.65 22.79 -7.24
CA GLU B 47 -5.34 23.18 -6.70
C GLU B 47 -4.93 22.61 -5.33
N LYS B 48 -5.88 22.54 -4.40
CA LYS B 48 -5.58 22.03 -3.07
C LYS B 48 -5.65 20.51 -3.10
N VAL B 49 -4.67 19.85 -3.71
CA VAL B 49 -4.70 18.38 -3.77
C VAL B 49 -3.48 17.76 -3.10
N GLU B 50 -3.75 16.86 -2.15
CA GLU B 50 -2.67 16.21 -1.44
C GLU B 50 -2.63 14.74 -1.76
N HIS B 51 -1.59 14.08 -1.26
CA HIS B 51 -1.43 12.66 -1.47
C HIS B 51 -0.58 11.99 -0.40
N SER B 52 -0.75 10.67 -0.30
CA SER B 52 -0.02 9.85 0.64
C SER B 52 1.46 9.74 0.25
N ASP B 53 2.26 9.21 1.17
CA ASP B 53 3.67 9.03 0.91
C ASP B 53 3.78 7.75 0.10
N LEU B 54 4.65 7.78 -0.91
CA LEU B 54 4.86 6.66 -1.78
C LEU B 54 5.21 5.35 -1.03
N SER B 55 4.43 4.32 -1.29
CA SER B 55 4.67 3.03 -0.71
C SER B 55 4.30 2.07 -1.80
N PHE B 56 4.39 0.76 -1.51
CA PHE B 56 4.08 -0.25 -2.48
C PHE B 56 3.58 -1.49 -1.81
N SER B 57 3.02 -2.41 -2.59
CA SER B 57 2.48 -3.68 -2.13
C SER B 57 3.50 -4.84 -2.15
N LYS B 58 3.09 -6.01 -1.66
CA LYS B 58 3.95 -7.22 -1.58
C LYS B 58 4.52 -7.68 -2.94
N ASP B 59 3.84 -7.33 -4.02
CA ASP B 59 4.31 -7.68 -5.37
C ASP B 59 5.20 -6.57 -5.97
N TRP B 60 5.56 -5.61 -5.13
CA TRP B 60 6.41 -4.46 -5.48
C TRP B 60 5.79 -3.31 -6.27
N SER B 61 4.52 -3.40 -6.65
CA SER B 61 3.89 -2.31 -7.40
C SER B 61 3.49 -1.19 -6.46
N PHE B 62 3.64 0.04 -6.91
CA PHE B 62 3.33 1.20 -6.08
C PHE B 62 1.85 1.55 -5.98
N TYR B 63 1.56 2.42 -5.01
CA TYR B 63 0.23 2.92 -4.78
C TYR B 63 0.34 4.25 -4.07
N LEU B 64 -0.58 5.14 -4.43
CA LEU B 64 -0.69 6.50 -3.91
C LEU B 64 -2.14 6.88 -3.87
N LEU B 65 -2.54 7.66 -2.85
CA LEU B 65 -3.90 8.14 -2.75
C LEU B 65 -3.85 9.68 -2.83
N TYR B 66 -4.66 10.25 -3.73
CA TYR B 66 -4.76 11.70 -3.90
C TYR B 66 -6.14 12.05 -3.41
N TYR B 67 -6.24 13.11 -2.62
CA TYR B 67 -7.52 13.52 -2.05
C TYR B 67 -7.65 15.01 -1.94
N THR B 68 -8.89 15.46 -1.80
CA THR B 68 -9.24 16.85 -1.65
C THR B 68 -10.66 16.91 -1.09
N GLU B 69 -10.96 17.97 -0.35
CA GLU B 69 -12.29 18.19 0.21
C GLU B 69 -13.15 18.66 -0.98
N PHE B 70 -14.43 18.35 -0.95
CA PHE B 70 -15.31 18.77 -2.00
C PHE B 70 -16.72 18.59 -1.46
N THR B 71 -17.67 19.32 -2.00
CA THR B 71 -19.04 19.20 -1.55
C THR B 71 -19.77 18.84 -2.80
N PRO B 72 -20.15 17.55 -2.94
CA PRO B 72 -20.88 17.06 -4.13
C PRO B 72 -22.22 17.78 -4.35
N THR B 73 -22.69 17.78 -5.59
CA THR B 73 -23.96 18.41 -5.98
C THR B 73 -24.54 17.55 -7.09
N GLU B 74 -25.69 17.91 -7.65
CA GLU B 74 -26.26 17.09 -8.72
C GLU B 74 -25.58 17.47 -10.04
N LYS B 75 -25.32 18.76 -10.20
CA LYS B 75 -24.71 19.26 -11.43
C LYS B 75 -23.21 19.05 -11.63
N ASP B 76 -22.40 19.33 -10.60
CA ASP B 76 -20.93 19.21 -10.72
C ASP B 76 -20.39 17.82 -11.03
N GLU B 77 -19.64 17.71 -12.13
CA GLU B 77 -19.04 16.44 -12.55
C GLU B 77 -17.56 16.39 -12.08
N TYR B 78 -17.17 15.27 -11.43
CA TYR B 78 -15.81 15.09 -10.95
C TYR B 78 -15.05 13.95 -11.67
N ALA B 79 -13.72 14.05 -11.68
CA ALA B 79 -12.90 13.03 -12.32
C ALA B 79 -11.44 13.05 -11.90
N CYS B 80 -10.74 11.97 -12.23
CA CYS B 80 -9.33 11.84 -11.95
C CYS B 80 -8.63 11.62 -13.30
N ARG B 81 -7.53 12.33 -13.53
CA ARG B 81 -6.75 12.25 -14.77
C ARG B 81 -5.34 11.73 -14.40
N VAL B 82 -4.98 10.58 -14.97
CA VAL B 82 -3.70 9.96 -14.66
C VAL B 82 -2.77 9.78 -15.85
N ASN B 83 -1.49 10.11 -15.67
CA ASN B 83 -0.50 9.88 -16.72
C ASN B 83 0.66 9.11 -16.10
N HIS B 84 1.16 8.14 -16.87
CA HIS B 84 2.23 7.25 -16.47
C HIS B 84 2.88 6.82 -17.80
N VAL B 85 4.15 6.43 -17.73
CA VAL B 85 4.88 6.00 -18.93
C VAL B 85 4.20 4.87 -19.73
N THR B 86 3.35 4.09 -19.08
CA THR B 86 2.67 3.00 -19.76
C THR B 86 1.45 3.47 -20.55
N LEU B 87 1.05 4.71 -20.32
CA LEU B 87 -0.12 5.29 -20.96
C LEU B 87 0.21 6.21 -22.14
N SER B 88 -0.46 5.97 -23.26
CA SER B 88 -0.25 6.79 -24.44
C SER B 88 -0.72 8.22 -24.21
N GLN B 89 -1.94 8.36 -23.70
CA GLN B 89 -2.57 9.65 -23.38
C GLN B 89 -3.08 9.57 -21.94
N PRO B 90 -3.29 10.73 -21.30
CA PRO B 90 -3.77 10.67 -19.92
C PRO B 90 -5.12 9.97 -19.87
N LYS B 91 -5.30 9.10 -18.89
CA LYS B 91 -6.56 8.40 -18.74
C LYS B 91 -7.41 9.18 -17.76
N ILE B 92 -8.68 9.33 -18.11
CA ILE B 92 -9.63 10.06 -17.28
C ILE B 92 -10.71 9.09 -16.80
N VAL B 93 -10.87 9.00 -15.49
CA VAL B 93 -11.88 8.14 -14.88
C VAL B 93 -12.83 9.08 -14.18
N LYS B 94 -14.10 8.99 -14.53
CA LYS B 94 -15.11 9.86 -13.92
C LYS B 94 -15.61 9.32 -12.59
N TRP B 95 -15.80 10.21 -11.62
CA TRP B 95 -16.33 9.79 -10.33
C TRP B 95 -17.80 9.40 -10.56
N ASP B 96 -18.13 8.19 -10.14
CA ASP B 96 -19.47 7.64 -10.24
C ASP B 96 -19.83 7.45 -8.76
N ARG B 97 -20.91 8.06 -8.30
CA ARG B 97 -21.26 7.94 -6.88
C ARG B 97 -21.65 6.55 -6.37
N ASP B 98 -21.87 5.60 -7.29
CA ASP B 98 -22.26 4.24 -6.90
C ASP B 98 -21.14 3.22 -7.16
N MET B 99 -19.89 3.70 -7.12
CA MET B 99 -18.70 2.88 -7.34
C MET B 99 -17.59 3.26 -6.34
N GLY C 1 11.70 1.23 14.73
CA GLY C 1 13.04 1.82 14.44
C GLY C 1 13.60 1.22 13.17
N GLY C 2 14.33 2.02 12.39
CA GLY C 2 14.90 1.53 11.15
C GLY C 2 16.06 0.57 11.34
N LYS C 3 16.43 -0.05 10.23
CA LYS C 3 17.53 -1.02 10.21
C LYS C 3 18.71 -0.44 9.42
N LYS C 4 19.92 -0.79 9.82
CA LYS C 4 21.10 -0.37 9.08
C LYS C 4 21.13 -1.26 7.83
N LYS C 5 21.23 -0.64 6.64
CA LYS C 5 21.29 -1.42 5.41
C LYS C 5 22.71 -1.63 4.88
N TYR C 6 22.90 -2.72 4.14
CA TYR C 6 24.20 -3.04 3.57
C TYR C 6 24.19 -2.88 2.07
N ARG C 7 25.32 -2.45 1.52
CA ARG C 7 25.44 -2.23 0.08
C ARG C 7 25.32 -3.55 -0.71
N LEU C 8 24.50 -3.52 -1.76
CA LEU C 8 24.31 -4.68 -2.62
C LEU C 8 25.51 -4.80 -3.58
#